data_7U3Z
#
_entry.id   7U3Z
#
_cell.length_a   67.638
_cell.length_b   135.539
_cell.length_c   136.111
_cell.angle_alpha   100.055
_cell.angle_beta   103.071
_cell.angle_gamma   96.364
#
_symmetry.space_group_name_H-M   'P 1'
#
loop_
_entity.id
_entity.type
_entity.pdbx_description
1 polymer 'DNA (42-MER)'
2 polymer "DNA (5'-D(*TP*TP*AP*GP*TP*CP*GP*TP*GP*GP*CP*TP*CP*G)-3')"
3 polymer 'DNA (35-MER)'
4 polymer 'DNA (42-MER)'
5 polymer 'DNA (35-MER)'
6 polymer "DNA (5'-D(*AP*AP*CP*CP*TP*AP*CP*CP*TP*GP*GP*CP*AP*GP*GP*AP*CP*GP*AP*CP*T)-3')"
7 polymer "DNA (5'-D(P*TP*CP*AP*CP*CP*TP*GP*CP*CP*AP*CP*CP*GP*TP*AP*CP*AP*CP*CP*GP*A)-3')"
#
loop_
_entity_poly.entity_id
_entity_poly.type
_entity_poly.pdbx_seq_one_letter_code
_entity_poly.pdbx_strand_id
1 'polydeoxyribonucleotide'
;(DC)(DA)(DC)(DG)(DA)(DG)(DC)(DC)(DT)(DG)(DA)(DT)(DC)(DG)(DG)(DA)(DC)(DA)(DA)(DG)
(DA)(DT)(DC)(DC)(DG)(DC)(DT)(DA)(DG)(DC)(DG)(DA)(DG)(DT)(DT)(DA)(DG)(DC)(DC)(DT)
(DA)(DG)
;
A
2 'polydeoxyribonucleotide' (DT)(DT)(DA)(DG)(DT)(DC)(DG)(DT)(DG)(DG)(DC)(DT)(DC)(DG) E
3 'polydeoxyribonucleotide'
;(DT)(DG)(DC)(DT)(DA)(DG)(DG)(DC)(DT)(DA)(DA)(DC)(DT)(DC)(DG)(DC)(DT)(DA)(DG)(DC)
(DG)(DG)(DA)(DT)(DC)(DT)(DT)(DG)(DT)(DG)(DG)(DC)(DT)(DG)(DC)
;
D
4 'polydeoxyribonucleotide'
;(DG)(DA)(DG)(DC)(DA)(DG)(DC)(DC)(DT)(DG)(DT)(DA)(DC)(DG)(DG)(DA)(DC)(DA)(DT)(DC)
(DA)(DG)(DT)(DC)(DT)(DC)(DT)(DG)(DC)(DT)(DA)(DG)(DA)(DT)(DC)(DG)(DT)(DC)(DA)(DG)
(DC)(DA)
;
B
5 'polydeoxyribonucleotide'
;(DT)(DC)(DT)(DG)(DC)(DT)(DG)(DA)(DC)(DG)(DA)(DT)(DC)(DT)(DA)(DG)(DC)(DA)(DG)(DA)
(DG)(DA)(DC)(DT)(DG)(DA)(DT)(DG)(DT)(DG)(DG)(DT)(DA)(DG)(DG)
;
F
6 'polydeoxyribonucleotide'
;(DA)(DA)(DC)(DC)(DT)(DA)(DC)(DC)(DT)(DG)(DG)(DC)(DA)(DG)(DG)(DA)(DC)(DG)(DA)(DC)
(DT)
;
C
7 'polydeoxyribonucleotide'
;(DT)(DC)(DA)(DC)(DC)(DT)(DG)(DC)(DC)(DA)(DC)(DC)(DG)(DT)(DA)(DC)(DA)(DC)(DC)(DG)
(DA)
;
M
#